data_4X2P
#
_entry.id   4X2P
#
_cell.length_a   123.879
_cell.length_b   123.879
_cell.length_c   105.301
_cell.angle_alpha   90.00
_cell.angle_beta   90.00
_cell.angle_gamma   90.00
#
_symmetry.space_group_name_H-M   'I 4 2 2'
#
loop_
_entity.id
_entity.type
_entity.pdbx_description
1 polymer 'Mandelate racemase'
2 non-polymer '3-HYDROXYPYRUVIC ACID'
3 non-polymer 'MAGNESIUM ION'
4 water water
#
_entity_poly.entity_id   1
_entity_poly.type   'polypeptide(L)'
_entity_poly.pdbx_seq_one_letter_code
;MASWSHPQFEKGALEVLFQGPGYHMSEVLITGLRTRAVNVPLAYPVHTAVGTVGTAPLVLIDLATSAGVVGHSYLFAYTP
VALKSLKQLLDDMAAMIVNEPLAPVSLEAMLAKRFCLAGYTGLIRMAAAGIDMAAWDALGKVHETPLVKLLGANARPVQA
YDSHSLDGVKLATERAVTAAELGFRAVKTKIGYPALDQDLAVVRSIRQAVGDDFGIMVDYNQSLDVPAAIKRSQALQQEG
VTWIEEPTLQHDYEGHQRIQSKLNVPVQMGENWLGPEEMFKALSIGACRLAMPDAMKIGGVTGWIRASALAQQFGIPMSS
HLFQEISAHLLAATPTAHWLERLDLAGSVIEPTLTFEGGNAVIPDLPGVGIIWREKEIGKYLV
;
_entity_poly.pdbx_strand_id   A
#
loop_
_chem_comp.id
_chem_comp.type
_chem_comp.name
_chem_comp.formula
3PY non-polymer '3-HYDROXYPYRUVIC ACID' 'C3 H4 O4'
MG non-polymer 'MAGNESIUM ION' 'Mg 2'
#
# COMPACT_ATOMS: atom_id res chain seq x y z
N GLU A 27 30.66 -0.87 6.82
CA GLU A 27 31.37 -0.45 5.53
C GLU A 27 30.70 0.28 4.26
N VAL A 28 29.48 0.04 3.74
CA VAL A 28 28.79 1.17 3.12
C VAL A 28 27.99 1.86 4.27
N LEU A 29 28.16 3.17 4.48
CA LEU A 29 27.50 3.86 5.60
C LEU A 29 26.42 4.83 5.00
N ILE A 30 25.40 5.13 5.81
CA ILE A 30 24.51 6.19 5.40
C ILE A 30 25.20 7.54 5.72
N THR A 31 25.13 8.49 4.78
CA THR A 31 25.79 9.75 5.02
C THR A 31 24.86 10.97 5.08
N GLY A 32 23.53 10.81 4.84
CA GLY A 32 22.62 11.98 4.85
C GLY A 32 21.19 11.51 4.56
N LEU A 33 20.22 12.30 5.02
CA LEU A 33 18.83 12.07 4.73
C LEU A 33 18.28 13.43 4.25
N ARG A 34 17.63 13.41 3.12
CA ARG A 34 16.97 14.64 2.65
C ARG A 34 15.49 14.33 2.42
N THR A 35 14.59 15.23 2.89
CA THR A 35 13.17 14.97 2.67
C THR A 35 12.51 16.15 2.03
N ARG A 36 11.50 15.93 1.19
CA ARG A 36 10.77 17.01 0.56
C ARG A 36 9.27 16.66 0.66
N ALA A 37 8.54 17.60 1.26
CA ALA A 37 7.09 17.48 1.39
C ALA A 37 6.40 18.08 0.22
N VAL A 38 5.54 17.33 -0.43
CA VAL A 38 4.81 17.75 -1.67
C VAL A 38 3.32 17.46 -1.59
N ASN A 39 2.46 18.25 -2.29
CA ASN A 39 1.08 17.98 -2.45
C ASN A 39 0.88 17.73 -3.92
N VAL A 40 0.74 16.49 -4.35
CA VAL A 40 0.83 16.13 -5.84
C VAL A 40 -0.54 15.86 -6.31
N PRO A 41 -0.81 16.19 -7.61
CA PRO A 41 -2.11 15.99 -8.24
C PRO A 41 -2.37 14.50 -8.40
N LEU A 42 -3.57 14.10 -8.09
CA LEU A 42 -3.96 12.69 -8.33
C LEU A 42 -4.54 12.48 -9.74
N ALA A 43 -4.07 11.41 -10.39
CA ALA A 43 -4.63 10.96 -11.70
C ALA A 43 -6.20 10.81 -11.58
N TYR A 44 -6.71 10.26 -10.47
CA TYR A 44 -8.13 10.07 -10.21
C TYR A 44 -8.43 10.82 -8.89
N PRO A 45 -9.07 11.98 -9.00
CA PRO A 45 -9.46 12.65 -7.73
C PRO A 45 -10.27 11.72 -6.85
N VAL A 46 -10.14 11.87 -5.53
CA VAL A 46 -10.72 10.85 -4.65
C VAL A 46 -12.07 11.43 -4.14
N HIS A 47 -13.23 10.75 -4.43
CA HIS A 47 -14.54 11.29 -3.98
C HIS A 47 -14.73 10.61 -2.61
N THR A 48 -15.20 11.37 -1.63
CA THR A 48 -15.43 10.81 -0.24
C THR A 48 -16.87 11.18 0.15
N ALA A 49 -17.38 10.66 1.27
CA ALA A 49 -18.64 11.13 1.87
C ALA A 49 -18.67 12.71 2.07
N VAL A 50 -17.56 13.34 2.54
CA VAL A 50 -17.42 14.83 2.53
C VAL A 50 -17.32 15.57 1.19
N GLY A 51 -16.37 15.29 0.31
CA GLY A 51 -16.34 15.89 -1.03
C GLY A 51 -15.09 15.31 -1.76
N THR A 52 -14.56 16.05 -2.73
CA THR A 52 -13.46 15.52 -3.57
C THR A 52 -12.10 16.04 -3.08
N VAL A 53 -11.09 15.20 -3.09
CA VAL A 53 -9.72 15.62 -2.83
C VAL A 53 -8.91 15.37 -4.12
N GLY A 54 -8.16 16.38 -4.59
CA GLY A 54 -7.54 16.26 -5.91
C GLY A 54 -6.01 16.15 -5.80
N THR A 55 -5.49 16.16 -4.55
CA THR A 55 -4.01 16.02 -4.40
C THR A 55 -3.72 15.02 -3.20
N ALA A 56 -2.52 14.51 -3.23
CA ALA A 56 -2.03 13.57 -2.16
C ALA A 56 -0.83 14.19 -1.50
N PRO A 57 -0.82 14.14 -0.15
CA PRO A 57 0.34 14.68 0.56
C PRO A 57 1.41 13.59 0.77
N LEU A 58 2.60 13.81 0.17
CA LEU A 58 3.72 12.78 0.18
C LEU A 58 4.92 13.43 0.73
N VAL A 59 5.78 12.55 1.37
CA VAL A 59 7.14 13.03 1.76
C VAL A 59 8.08 12.18 0.92
N LEU A 60 8.89 12.86 0.00
CA LEU A 60 9.88 12.11 -0.82
C LEU A 60 11.22 12.08 -0.12
N ILE A 61 11.83 10.91 -0.09
CA ILE A 61 12.97 10.63 0.74
C ILE A 61 14.18 10.30 -0.12
N ASP A 62 15.35 10.95 0.23
CA ASP A 62 16.63 10.58 -0.42
C ASP A 62 17.58 10.22 0.65
N LEU A 63 18.19 9.02 0.54
CA LEU A 63 19.13 8.51 1.62
C LEU A 63 20.52 8.41 0.97
N ALA A 64 21.41 9.34 1.38
CA ALA A 64 22.78 9.37 0.77
C ALA A 64 23.61 8.32 1.38
N THR A 65 24.57 7.80 0.61
CA THR A 65 25.45 6.75 1.16
C THR A 65 26.92 7.04 0.82
N SER A 66 27.82 6.33 1.52
CA SER A 66 29.27 6.55 1.22
C SER A 66 29.67 5.88 -0.09
N ALA A 67 28.80 5.05 -0.67
CA ALA A 67 29.08 4.35 -1.96
C ALA A 67 28.72 5.27 -3.15
N GLY A 68 28.20 6.47 -2.92
CA GLY A 68 27.78 7.40 -3.96
C GLY A 68 26.40 7.12 -4.55
N VAL A 69 25.78 6.03 -4.15
CA VAL A 69 24.42 5.84 -4.59
C VAL A 69 23.43 6.51 -3.57
N VAL A 70 22.28 6.85 -4.11
CA VAL A 70 21.22 7.52 -3.24
C VAL A 70 19.94 6.65 -3.31
N GLY A 71 19.48 6.28 -2.08
CA GLY A 71 18.29 5.44 -1.98
C GLY A 71 17.13 6.37 -2.08
N HIS A 72 16.01 5.94 -2.75
CA HIS A 72 14.81 6.75 -2.79
C HIS A 72 13.59 5.96 -2.25
N SER A 73 12.71 6.65 -1.56
CA SER A 73 11.38 6.09 -1.21
C SER A 73 10.45 7.28 -1.05
N TYR A 74 9.19 7.01 -0.72
CA TYR A 74 8.31 8.07 -0.31
C TYR A 74 7.31 7.52 0.68
N LEU A 75 6.74 8.49 1.39
CA LEU A 75 5.67 8.17 2.37
C LEU A 75 4.39 8.84 1.96
N PHE A 76 3.25 8.27 2.31
CA PHE A 76 1.93 8.94 2.15
C PHE A 76 1.51 9.40 3.50
N ALA A 77 1.18 10.70 3.57
CA ALA A 77 0.75 11.26 4.88
C ALA A 77 -0.77 11.15 5.11
N TYR A 78 -1.57 10.72 4.10
CA TYR A 78 -3.04 10.53 4.20
C TYR A 78 -3.79 11.82 4.18
N THR A 79 -3.43 12.71 5.12
CA THR A 79 -4.13 14.02 5.20
C THR A 79 -3.01 15.09 5.26
N PRO A 80 -3.24 16.24 4.71
CA PRO A 80 -2.28 17.31 4.84
C PRO A 80 -2.07 17.79 6.25
N VAL A 81 -2.99 17.45 7.18
CA VAL A 81 -2.74 17.75 8.62
C VAL A 81 -1.50 17.11 9.17
N ALA A 82 -1.11 15.92 8.59
CA ALA A 82 0.07 15.21 9.11
C ALA A 82 1.37 15.48 8.33
N LEU A 83 1.22 16.21 7.18
CA LEU A 83 2.39 16.23 6.24
C LEU A 83 3.65 16.93 6.78
N LYS A 84 3.48 18.18 7.35
CA LYS A 84 4.68 18.86 7.84
C LYS A 84 5.25 18.14 9.05
N SER A 85 4.32 17.58 9.88
CA SER A 85 4.82 16.83 11.06
C SER A 85 5.64 15.60 10.69
N LEU A 86 5.21 14.88 9.62
CA LEU A 86 5.98 13.71 9.22
C LEU A 86 7.33 14.10 8.65
N LYS A 87 7.39 15.18 7.81
CA LYS A 87 8.71 15.64 7.36
C LYS A 87 9.58 16.11 8.52
N GLN A 88 9.03 16.80 9.52
CA GLN A 88 9.89 17.29 10.58
C GLN A 88 10.37 16.13 11.39
N LEU A 89 9.51 15.08 11.58
CA LEU A 89 9.97 13.91 12.34
C LEU A 89 11.20 13.23 11.63
N LEU A 90 11.06 13.03 10.27
CA LEU A 90 12.16 12.43 9.53
C LEU A 90 13.41 13.30 9.62
N ASP A 91 13.20 14.63 9.49
CA ASP A 91 14.43 15.49 9.59
C ASP A 91 15.11 15.35 10.91
N ASP A 92 14.38 15.18 12.01
CA ASP A 92 14.99 15.01 13.32
C ASP A 92 15.42 13.61 13.61
N MET A 93 15.09 12.64 12.76
CA MET A 93 15.66 11.27 12.89
C MET A 93 16.92 11.13 12.13
N ALA A 94 17.26 12.12 11.26
CA ALA A 94 18.49 11.92 10.45
C ALA A 94 19.69 11.66 11.32
N ALA A 95 19.85 12.35 12.47
CA ALA A 95 21.02 12.10 13.25
C ALA A 95 21.10 10.72 13.90
N MET A 96 19.98 9.98 14.03
CA MET A 96 20.04 8.62 14.50
C MET A 96 20.62 7.64 13.43
N ILE A 97 20.50 7.96 12.14
CA ILE A 97 20.92 7.01 11.13
C ILE A 97 22.22 7.39 10.42
N VAL A 98 22.55 8.70 10.42
CA VAL A 98 23.77 9.09 9.60
C VAL A 98 25.00 8.48 10.35
N ASN A 99 25.93 7.92 9.58
CA ASN A 99 27.14 7.13 10.01
C ASN A 99 26.80 5.72 10.46
N GLU A 100 25.48 5.27 10.44
CA GLU A 100 25.24 3.85 10.61
C GLU A 100 25.45 3.10 9.34
N PRO A 101 25.80 1.79 9.40
CA PRO A 101 25.94 1.01 8.18
C PRO A 101 24.57 0.88 7.43
N LEU A 102 24.55 0.87 6.10
N LEU A 102 24.77 0.66 6.09
CA LEU A 102 23.24 0.91 5.41
CA LEU A 102 23.67 0.42 5.12
C LEU A 102 22.14 -0.20 5.85
C LEU A 102 23.18 -1.03 5.22
N ALA A 103 22.61 -1.29 6.39
CA ALA A 103 22.12 -2.68 6.69
C ALA A 103 20.66 -2.48 7.24
N PRO A 104 19.68 -2.57 6.36
CA PRO A 104 18.31 -2.19 6.84
C PRO A 104 17.77 -3.03 8.01
N VAL A 105 18.04 -4.34 8.01
CA VAL A 105 17.48 -5.12 9.14
C VAL A 105 18.06 -4.70 10.48
N SER A 106 19.35 -4.43 10.44
CA SER A 106 19.99 -3.87 11.69
C SER A 106 19.50 -2.51 12.05
N LEU A 107 19.37 -1.64 11.05
CA LEU A 107 18.84 -0.30 11.28
CA LEU A 107 18.82 -0.27 11.28
C LEU A 107 17.43 -0.33 11.88
N GLU A 108 16.60 -1.27 11.36
CA GLU A 108 15.22 -1.36 11.86
C GLU A 108 15.20 -1.78 13.30
N ALA A 109 16.11 -2.70 13.72
CA ALA A 109 16.12 -3.14 15.14
C ALA A 109 16.54 -1.97 16.03
N MET A 110 17.45 -1.15 15.48
CA MET A 110 17.96 0.00 16.27
CA MET A 110 17.96 0.04 16.25
C MET A 110 16.82 1.00 16.46
N LEU A 111 16.06 1.27 15.42
CA LEU A 111 14.95 2.24 15.53
C LEU A 111 13.82 1.70 16.42
N ALA A 112 13.55 0.40 16.27
CA ALA A 112 12.52 -0.18 17.19
C ALA A 112 12.87 0.01 18.63
N LYS A 113 14.17 -0.18 18.94
CA LYS A 113 14.63 0.01 20.41
C LYS A 113 14.61 1.47 20.77
N ARG A 114 15.07 2.34 19.89
CA ARG A 114 15.15 3.82 20.24
C ARG A 114 13.75 4.38 20.47
N PHE A 115 12.70 3.85 19.81
CA PHE A 115 11.36 4.38 19.96
C PHE A 115 10.46 3.52 20.84
N CYS A 116 11.10 2.65 21.61
CA CYS A 116 10.21 1.68 22.42
C CYS A 116 9.39 2.46 23.52
N LEU A 117 9.83 3.65 23.97
CA LEU A 117 9.03 4.43 24.97
C LEU A 117 8.08 5.32 24.27
N ALA A 118 8.53 6.03 23.23
CA ALA A 118 7.61 6.91 22.54
C ALA A 118 6.38 6.15 21.96
N GLY A 119 6.74 4.89 21.49
CA GLY A 119 5.74 4.03 20.84
C GLY A 119 6.08 3.88 19.33
N TYR A 120 6.55 2.69 19.04
CA TYR A 120 7.06 2.49 17.66
C TYR A 120 5.85 2.07 16.75
N THR A 121 5.01 3.11 16.51
CA THR A 121 3.80 2.85 15.80
C THR A 121 3.44 4.20 15.16
N GLY A 122 2.32 4.23 14.41
CA GLY A 122 1.78 5.52 13.81
C GLY A 122 2.89 6.27 13.03
N LEU A 123 2.93 7.58 13.19
CA LEU A 123 3.79 8.37 12.31
C LEU A 123 5.29 7.99 12.51
N ILE A 124 5.74 7.62 13.73
CA ILE A 124 7.16 7.17 13.99
C ILE A 124 7.44 5.89 13.17
N ARG A 125 6.50 4.93 13.20
CA ARG A 125 6.77 3.72 12.42
C ARG A 125 6.73 3.94 10.92
N MET A 126 5.82 4.84 10.48
CA MET A 126 5.80 5.18 9.07
C MET A 126 7.15 5.79 8.64
N ALA A 127 7.62 6.74 9.43
CA ALA A 127 8.97 7.34 9.14
C ALA A 127 10.08 6.35 9.13
N ALA A 128 10.11 5.38 10.08
CA ALA A 128 11.10 4.32 10.06
C ALA A 128 10.99 3.47 8.74
N ALA A 129 9.73 3.24 8.32
CA ALA A 129 9.51 2.39 7.10
C ALA A 129 10.01 3.18 5.90
N GLY A 130 9.85 4.49 5.92
CA GLY A 130 10.38 5.22 4.72
C GLY A 130 11.89 5.13 4.67
N ILE A 131 12.58 5.22 5.84
CA ILE A 131 14.01 5.00 5.82
C ILE A 131 14.32 3.56 5.36
N ASP A 132 13.56 2.50 5.80
CA ASP A 132 13.89 1.12 5.42
C ASP A 132 13.73 1.00 3.88
N MET A 133 12.64 1.54 3.32
CA MET A 133 12.39 1.31 1.87
C MET A 133 13.53 2.05 1.03
N ALA A 134 13.96 3.23 1.52
CA ALA A 134 15.12 3.92 0.88
C ALA A 134 16.41 3.12 1.04
N ALA A 135 16.63 2.53 2.22
CA ALA A 135 17.87 1.80 2.51
C ALA A 135 17.94 0.52 1.63
N TRP A 136 16.78 -0.18 1.43
CA TRP A 136 16.79 -1.30 0.50
C TRP A 136 16.97 -0.88 -0.94
N ASP A 137 16.41 0.23 -1.35
CA ASP A 137 16.59 0.72 -2.76
C ASP A 137 18.14 1.01 -2.84
N ALA A 138 18.76 1.66 -1.87
CA ALA A 138 20.25 1.86 -2.02
C ALA A 138 21.04 0.57 -2.00
N LEU A 139 20.60 -0.45 -1.21
CA LEU A 139 21.39 -1.72 -1.13
C LEU A 139 21.30 -2.32 -2.57
N GLY A 140 20.11 -2.31 -3.22
CA GLY A 140 20.00 -2.87 -4.57
C GLY A 140 20.89 -2.08 -5.52
N LYS A 141 20.96 -0.77 -5.41
CA LYS A 141 21.87 0.06 -6.24
C LYS A 141 23.37 -0.28 -5.94
N VAL A 142 23.77 -0.46 -4.68
CA VAL A 142 25.20 -0.83 -4.32
C VAL A 142 25.48 -2.14 -5.06
N HIS A 143 24.54 -3.02 -5.24
CA HIS A 143 24.85 -4.32 -5.86
C HIS A 143 24.41 -4.33 -7.30
N GLU A 144 23.99 -3.22 -7.86
CA GLU A 144 23.52 -3.12 -9.26
C GLU A 144 22.48 -4.19 -9.67
N THR A 145 21.46 -4.38 -8.78
CA THR A 145 20.51 -5.48 -8.94
CA THR A 145 20.51 -5.47 -8.97
C THR A 145 19.10 -5.00 -8.52
N PRO A 146 18.05 -5.43 -9.27
CA PRO A 146 16.68 -5.02 -8.90
C PRO A 146 16.48 -5.63 -7.45
N LEU A 147 15.60 -4.91 -6.71
CA LEU A 147 15.32 -5.40 -5.25
C LEU A 147 14.82 -6.83 -5.30
N VAL A 148 13.94 -7.17 -6.22
CA VAL A 148 13.34 -8.55 -6.24
C VAL A 148 14.48 -9.59 -6.26
N LYS A 149 15.52 -9.36 -7.08
CA LYS A 149 16.64 -10.35 -7.10
C LYS A 149 17.46 -10.33 -5.86
N LEU A 150 17.67 -9.15 -5.25
CA LEU A 150 18.43 -9.04 -3.96
C LEU A 150 17.67 -9.91 -2.87
N LEU A 151 16.35 -9.95 -2.95
CA LEU A 151 15.50 -10.70 -1.98
C LEU A 151 15.53 -12.22 -2.34
N GLY A 152 16.18 -12.61 -3.46
CA GLY A 152 16.33 -14.01 -3.82
C GLY A 152 15.27 -14.52 -4.75
N ALA A 153 14.45 -13.68 -5.37
CA ALA A 153 13.39 -14.21 -6.22
C ALA A 153 13.56 -13.76 -7.70
N ASN A 154 12.86 -14.38 -8.62
CA ASN A 154 12.83 -13.85 -10.03
C ASN A 154 11.68 -12.90 -10.14
N ALA A 155 11.88 -11.90 -11.02
CA ALA A 155 10.72 -11.00 -11.35
C ALA A 155 9.63 -11.84 -12.02
N ARG A 156 8.37 -11.51 -11.77
CA ARG A 156 7.23 -12.18 -12.49
C ARG A 156 6.20 -11.07 -12.58
N PRO A 157 5.40 -11.14 -13.61
CA PRO A 157 4.27 -10.13 -13.71
C PRO A 157 3.24 -10.52 -12.62
N VAL A 158 2.63 -9.48 -12.00
CA VAL A 158 1.69 -9.80 -10.94
C VAL A 158 0.35 -9.14 -11.31
N GLN A 159 -0.72 -9.90 -11.26
CA GLN A 159 -2.05 -9.33 -11.54
C GLN A 159 -2.39 -8.13 -10.73
N ALA A 160 -2.94 -7.07 -11.35
CA ALA A 160 -3.28 -5.85 -10.63
C ALA A 160 -4.69 -5.45 -10.78
N TYR A 161 -5.29 -4.80 -9.76
CA TYR A 161 -6.59 -4.22 -9.98
C TYR A 161 -6.53 -2.73 -9.87
N ASP A 162 -7.46 -2.05 -10.54
CA ASP A 162 -7.45 -0.57 -10.54
C ASP A 162 -8.39 -0.09 -9.41
N SER A 163 -7.83 0.71 -8.52
CA SER A 163 -8.56 1.16 -7.32
C SER A 163 -9.18 2.56 -7.48
N HIS A 164 -10.50 2.59 -7.33
CA HIS A 164 -11.30 3.86 -7.46
C HIS A 164 -11.82 4.30 -6.10
N SER A 165 -12.77 5.24 -6.11
CA SER A 165 -13.20 5.83 -4.86
C SER A 165 -14.73 5.77 -4.73
N LEU A 166 -15.27 6.63 -3.88
CA LEU A 166 -16.70 6.59 -3.49
C LEU A 166 -17.40 7.45 -4.59
N ASP A 167 -17.60 6.84 -5.73
CA ASP A 167 -17.68 7.71 -6.97
C ASP A 167 -19.14 7.94 -7.46
N GLY A 168 -20.14 7.20 -6.90
CA GLY A 168 -21.59 7.29 -7.39
C GLY A 168 -21.67 6.47 -8.59
N VAL A 169 -22.88 6.13 -9.02
CA VAL A 169 -23.07 5.14 -10.01
C VAL A 169 -22.44 5.52 -11.40
N LYS A 170 -22.67 6.74 -11.83
CA LYS A 170 -22.16 7.11 -13.20
C LYS A 170 -20.61 7.11 -13.21
N LEU A 171 -19.93 7.83 -12.31
CA LEU A 171 -18.48 7.93 -12.36
C LEU A 171 -17.90 6.55 -12.05
N ALA A 172 -18.49 5.82 -11.04
CA ALA A 172 -17.85 4.50 -10.85
C ALA A 172 -17.87 3.59 -12.04
N THR A 173 -19.00 3.60 -12.80
CA THR A 173 -19.12 2.80 -14.01
C THR A 173 -18.13 3.34 -15.12
N GLU A 174 -18.04 4.66 -15.31
CA GLU A 174 -17.09 5.21 -16.36
C GLU A 174 -15.63 4.72 -15.97
N ARG A 175 -15.30 4.74 -14.67
CA ARG A 175 -13.89 4.42 -14.27
CA ARG A 175 -13.90 4.41 -14.33
C ARG A 175 -13.64 2.95 -14.48
N ALA A 176 -14.68 2.10 -14.23
CA ALA A 176 -14.53 0.68 -14.42
C ALA A 176 -14.34 0.34 -15.94
N VAL A 177 -15.12 1.10 -16.78
CA VAL A 177 -15.01 0.87 -18.24
C VAL A 177 -13.60 1.35 -18.74
N THR A 178 -13.05 2.38 -18.17
CA THR A 178 -11.69 2.87 -18.61
C THR A 178 -10.65 1.82 -18.13
N ALA A 179 -10.82 1.35 -16.86
CA ALA A 179 -9.88 0.26 -16.43
C ALA A 179 -9.86 -1.00 -17.32
N ALA A 180 -11.06 -1.44 -17.73
CA ALA A 180 -11.24 -2.62 -18.50
C ALA A 180 -10.56 -2.30 -19.95
N GLU A 181 -10.74 -1.08 -20.38
CA GLU A 181 -10.16 -0.71 -21.76
C GLU A 181 -8.59 -0.68 -21.65
N LEU A 182 -8.05 -0.33 -20.48
CA LEU A 182 -6.57 -0.36 -20.14
C LEU A 182 -6.04 -1.75 -19.86
N GLY A 183 -6.86 -2.77 -19.87
CA GLY A 183 -6.48 -4.16 -19.74
C GLY A 183 -6.51 -4.76 -18.30
N PHE A 184 -6.99 -3.89 -17.40
CA PHE A 184 -7.12 -4.53 -16.02
C PHE A 184 -8.32 -5.52 -16.03
N ARG A 185 -8.19 -6.60 -15.22
CA ARG A 185 -9.25 -7.60 -15.18
C ARG A 185 -10.01 -7.52 -13.83
N ALA A 186 -9.75 -6.45 -13.08
CA ALA A 186 -10.57 -6.26 -11.84
C ALA A 186 -10.46 -4.78 -11.49
N VAL A 187 -11.46 -4.25 -10.80
CA VAL A 187 -11.43 -2.92 -10.20
C VAL A 187 -11.96 -2.98 -8.75
N LYS A 188 -11.54 -1.98 -7.98
CA LYS A 188 -12.12 -1.83 -6.61
C LYS A 188 -12.85 -0.56 -6.51
N THR A 189 -14.08 -0.61 -5.97
CA THR A 189 -14.81 0.65 -5.71
C THR A 189 -15.08 0.82 -4.24
N LYS A 190 -15.11 2.05 -3.75
CA LYS A 190 -15.38 2.27 -2.30
C LYS A 190 -16.86 2.42 -2.20
N ILE A 191 -17.44 1.80 -1.20
CA ILE A 191 -18.93 1.88 -1.04
C ILE A 191 -19.20 2.21 0.45
N GLY A 192 -20.49 2.16 0.86
CA GLY A 192 -20.84 2.71 2.24
C GLY A 192 -21.63 4.01 2.11
N TYR A 193 -22.51 3.98 1.15
CA TYR A 193 -23.50 5.08 0.90
C TYR A 193 -24.51 4.97 2.05
N PRO A 194 -25.39 6.01 2.20
CA PRO A 194 -26.30 5.96 3.33
C PRO A 194 -27.23 4.79 3.26
N ALA A 195 -27.61 4.28 2.09
CA ALA A 195 -28.48 3.09 2.05
C ALA A 195 -27.77 1.94 1.28
N LEU A 196 -28.05 0.72 1.70
CA LEU A 196 -27.48 -0.47 1.02
C LEU A 196 -27.94 -0.50 -0.41
N ASP A 197 -29.18 -0.01 -0.67
CA ASP A 197 -29.53 -0.02 -2.13
C ASP A 197 -28.58 0.76 -3.08
N GLN A 198 -27.97 1.78 -2.55
CA GLN A 198 -27.05 2.57 -3.39
C GLN A 198 -25.77 1.84 -3.54
N ASP A 199 -25.30 1.19 -2.43
CA ASP A 199 -24.14 0.30 -2.77
C ASP A 199 -24.39 -0.73 -3.82
N LEU A 200 -25.56 -1.40 -3.77
CA LEU A 200 -25.87 -2.43 -4.71
C LEU A 200 -26.07 -1.77 -6.13
N ALA A 201 -26.58 -0.51 -6.15
CA ALA A 201 -26.86 0.14 -7.54
C ALA A 201 -25.44 0.34 -8.21
N VAL A 202 -24.43 0.77 -7.40
CA VAL A 202 -23.04 0.94 -7.92
C VAL A 202 -22.52 -0.33 -8.47
N VAL A 203 -22.49 -1.44 -7.67
CA VAL A 203 -21.91 -2.68 -8.01
C VAL A 203 -22.64 -3.28 -9.27
N ARG A 204 -23.99 -3.16 -9.29
CA ARG A 204 -24.73 -3.76 -10.41
C ARG A 204 -24.36 -2.93 -11.72
N SER A 205 -24.23 -1.62 -11.60
CA SER A 205 -24.01 -0.81 -12.83
C SER A 205 -22.62 -1.22 -13.37
N ILE A 206 -21.61 -1.27 -12.46
CA ILE A 206 -20.26 -1.73 -12.91
C ILE A 206 -20.42 -3.06 -13.53
N ARG A 207 -21.09 -4.06 -12.90
CA ARG A 207 -21.15 -5.37 -13.41
C ARG A 207 -21.82 -5.42 -14.89
N GLN A 208 -22.79 -4.57 -15.06
CA GLN A 208 -23.44 -4.49 -16.43
C GLN A 208 -22.40 -4.00 -17.41
N ALA A 209 -21.56 -3.11 -16.99
CA ALA A 209 -20.64 -2.47 -18.00
C ALA A 209 -19.42 -3.36 -18.30
N VAL A 210 -18.98 -4.24 -17.40
CA VAL A 210 -17.65 -4.91 -17.52
C VAL A 210 -17.91 -6.35 -17.78
N GLY A 211 -19.13 -6.86 -17.49
CA GLY A 211 -19.52 -8.29 -17.69
C GLY A 211 -19.10 -9.23 -16.59
N ASP A 212 -19.38 -10.54 -16.71
CA ASP A 212 -19.29 -11.43 -15.54
C ASP A 212 -17.91 -11.99 -15.26
N ASP A 213 -17.03 -11.88 -16.23
CA ASP A 213 -15.77 -12.53 -16.14
C ASP A 213 -14.80 -11.37 -15.77
N PHE A 214 -15.09 -10.76 -14.61
CA PHE A 214 -14.31 -9.48 -14.28
C PHE A 214 -14.43 -9.33 -12.76
N GLY A 215 -13.34 -8.96 -12.11
CA GLY A 215 -13.34 -8.84 -10.60
C GLY A 215 -13.91 -7.48 -10.21
N ILE A 216 -14.84 -7.46 -9.16
CA ILE A 216 -15.21 -6.21 -8.58
C ILE A 216 -14.97 -6.37 -7.03
N MET A 217 -13.91 -5.75 -6.63
CA MET A 217 -13.66 -5.72 -5.18
C MET A 217 -14.44 -4.57 -4.64
N VAL A 218 -14.85 -4.67 -3.32
CA VAL A 218 -15.52 -3.52 -2.76
C VAL A 218 -14.97 -3.15 -1.38
N ASP A 219 -14.98 -1.90 -1.04
CA ASP A 219 -14.21 -1.52 0.23
C ASP A 219 -15.12 -0.55 0.95
N TYR A 220 -15.42 -0.89 2.22
CA TYR A 220 -16.28 -0.01 3.04
C TYR A 220 -15.50 0.96 3.94
N ASN A 221 -14.16 0.88 3.86
CA ASN A 221 -13.26 1.85 4.54
CA ASN A 221 -13.30 1.90 4.49
C ASN A 221 -13.70 2.16 5.97
N GLN A 222 -13.95 1.05 6.68
CA GLN A 222 -14.23 1.08 8.15
C GLN A 222 -15.62 1.70 8.50
N SER A 223 -16.52 1.82 7.49
CA SER A 223 -17.66 2.67 7.78
C SER A 223 -18.83 1.97 8.47
N LEU A 224 -18.83 0.65 8.68
CA LEU A 224 -20.08 -0.05 9.16
C LEU A 224 -19.84 -0.57 10.59
N ASP A 225 -20.88 -0.63 11.42
CA ASP A 225 -20.83 -1.51 12.63
C ASP A 225 -20.99 -2.99 12.19
N VAL A 226 -20.73 -3.90 13.16
CA VAL A 226 -20.77 -5.33 12.76
C VAL A 226 -22.11 -5.81 12.22
N PRO A 227 -23.23 -5.50 12.85
CA PRO A 227 -24.50 -6.04 12.27
C PRO A 227 -24.76 -5.41 10.87
N ALA A 228 -24.49 -4.05 10.73
CA ALA A 228 -24.72 -3.53 9.37
C ALA A 228 -23.80 -4.20 8.37
N ALA A 229 -22.52 -4.50 8.82
CA ALA A 229 -21.60 -5.09 7.85
C ALA A 229 -22.09 -6.49 7.49
N ILE A 230 -22.65 -7.27 8.44
CA ILE A 230 -23.15 -8.60 8.05
C ILE A 230 -24.33 -8.48 7.05
N LYS A 231 -25.22 -7.54 7.31
CA LYS A 231 -26.43 -7.42 6.42
C LYS A 231 -25.95 -6.97 5.06
N ARG A 232 -25.18 -5.87 5.06
CA ARG A 232 -24.75 -5.39 3.70
C ARG A 232 -23.87 -6.43 3.01
N SER A 233 -22.91 -7.08 3.73
CA SER A 233 -22.05 -7.96 2.98
C SER A 233 -22.75 -9.16 2.50
N GLN A 234 -23.80 -9.73 3.20
CA GLN A 234 -24.52 -10.91 2.66
C GLN A 234 -25.26 -10.44 1.40
N ALA A 235 -25.78 -9.18 1.36
CA ALA A 235 -26.40 -8.75 0.08
C ALA A 235 -25.36 -8.63 -1.00
N LEU A 236 -24.19 -8.10 -0.72
CA LEU A 236 -23.15 -7.99 -1.77
C LEU A 236 -22.63 -9.33 -2.19
N GLN A 237 -22.56 -10.36 -1.27
CA GLN A 237 -22.11 -11.65 -1.69
C GLN A 237 -23.13 -12.29 -2.68
N GLN A 238 -24.43 -11.98 -2.50
CA GLN A 238 -25.39 -12.49 -3.48
C GLN A 238 -25.17 -11.86 -4.86
N GLU A 239 -24.69 -10.62 -4.90
CA GLU A 239 -24.37 -9.97 -6.22
C GLU A 239 -23.33 -10.54 -6.85
N GLY A 240 -22.21 -10.93 -6.17
CA GLY A 240 -21.07 -11.57 -6.70
C GLY A 240 -20.07 -10.36 -6.65
N VAL A 241 -19.26 -10.35 -5.62
CA VAL A 241 -18.09 -9.47 -5.53
C VAL A 241 -16.88 -10.28 -5.16
N THR A 242 -15.67 -9.76 -5.36
CA THR A 242 -14.46 -10.52 -5.20
C THR A 242 -14.01 -10.59 -3.71
N TRP A 243 -14.13 -9.50 -3.03
CA TRP A 243 -13.89 -9.52 -1.55
C TRP A 243 -14.59 -8.34 -0.96
N ILE A 244 -14.69 -8.32 0.34
CA ILE A 244 -15.27 -7.23 1.08
C ILE A 244 -14.17 -6.67 2.00
N GLU A 245 -13.74 -5.43 1.79
CA GLU A 245 -12.57 -4.90 2.51
C GLU A 245 -12.96 -3.95 3.64
N GLU A 246 -12.22 -4.07 4.76
CA GLU A 246 -12.41 -3.29 6.02
C GLU A 246 -13.86 -2.85 6.21
N PRO A 247 -14.72 -3.84 6.49
CA PRO A 247 -16.19 -3.46 6.74
C PRO A 247 -16.28 -2.69 8.01
N THR A 248 -15.42 -2.87 9.02
CA THR A 248 -15.59 -2.13 10.28
C THR A 248 -14.27 -1.51 10.77
N LEU A 249 -14.33 -0.92 11.96
CA LEU A 249 -13.13 -0.18 12.46
C LEU A 249 -11.91 -1.12 12.28
N GLN A 250 -10.78 -0.54 11.87
CA GLN A 250 -9.65 -1.40 11.41
C GLN A 250 -9.02 -2.10 12.63
N HIS A 251 -9.08 -1.47 13.84
CA HIS A 251 -8.43 -2.16 15.02
CA HIS A 251 -8.40 -2.17 14.98
C HIS A 251 -9.32 -3.20 15.63
N ASP A 252 -10.58 -3.31 15.12
CA ASP A 252 -11.49 -4.29 15.76
C ASP A 252 -11.38 -5.65 15.05
N TYR A 253 -10.31 -6.40 15.42
CA TYR A 253 -10.08 -7.68 14.75
C TYR A 253 -11.18 -8.64 15.11
N GLU A 254 -11.64 -8.67 16.40
CA GLU A 254 -12.73 -9.61 16.71
C GLU A 254 -13.96 -9.27 15.97
N GLY A 255 -14.19 -7.99 15.74
CA GLY A 255 -15.48 -7.65 14.97
C GLY A 255 -15.28 -8.08 13.51
N HIS A 256 -14.09 -7.96 12.94
CA HIS A 256 -13.90 -8.54 11.60
C HIS A 256 -14.07 -10.06 11.61
N GLN A 257 -13.57 -10.77 12.65
CA GLN A 257 -13.78 -12.19 12.66
C GLN A 257 -15.33 -12.51 12.75
N ARG A 258 -16.11 -11.70 13.53
CA ARG A 258 -17.59 -12.02 13.65
C ARG A 258 -18.16 -11.79 12.25
N ILE A 259 -17.73 -10.72 11.55
CA ILE A 259 -18.32 -10.47 10.13
C ILE A 259 -17.89 -11.64 9.21
N GLN A 260 -16.59 -12.00 9.24
CA GLN A 260 -16.20 -13.06 8.33
C GLN A 260 -16.94 -14.39 8.63
N SER A 261 -17.29 -14.60 9.95
CA SER A 261 -17.96 -15.91 10.28
C SER A 261 -19.37 -16.05 9.62
N LYS A 262 -19.89 -14.91 9.18
CA LYS A 262 -21.21 -14.93 8.53
C LYS A 262 -21.10 -14.85 6.98
N LEU A 263 -19.90 -15.06 6.44
CA LEU A 263 -19.76 -14.84 4.99
C LEU A 263 -19.04 -16.02 4.35
N ASN A 264 -19.33 -16.29 3.07
CA ASN A 264 -18.46 -17.15 2.22
C ASN A 264 -17.45 -16.31 1.45
N VAL A 265 -17.89 -15.13 0.98
CA VAL A 265 -16.93 -14.25 0.33
C VAL A 265 -15.83 -13.86 1.36
N PRO A 266 -14.60 -13.64 0.95
CA PRO A 266 -13.59 -13.33 1.97
C PRO A 266 -13.59 -11.89 2.35
N VAL A 267 -13.40 -11.67 3.67
CA VAL A 267 -13.10 -10.36 4.25
C VAL A 267 -11.56 -10.12 4.06
N GLN A 268 -11.32 -8.91 3.53
CA GLN A 268 -9.93 -8.43 3.22
C GLN A 268 -9.60 -7.28 4.18
N MET A 269 -8.40 -7.28 4.71
CA MET A 269 -8.01 -6.13 5.58
C MET A 269 -6.49 -6.11 5.57
N GLY A 270 -5.98 -5.09 6.21
CA GLY A 270 -4.53 -5.08 6.49
C GLY A 270 -3.83 -3.78 6.11
N GLU A 271 -4.48 -2.92 5.36
CA GLU A 271 -3.76 -1.67 4.98
C GLU A 271 -3.42 -0.82 6.16
N ASN A 272 -4.11 -1.06 7.31
CA ASN A 272 -3.85 -0.24 8.50
C ASN A 272 -3.06 -0.93 9.60
N TRP A 273 -2.54 -2.11 9.29
CA TRP A 273 -1.65 -2.77 10.30
C TRP A 273 -0.31 -2.06 10.33
N LEU A 274 0.02 -1.63 11.59
CA LEU A 274 1.32 -0.88 11.78
C LEU A 274 2.27 -1.93 12.33
N GLY A 275 3.03 -2.51 11.43
CA GLY A 275 3.98 -3.59 11.75
C GLY A 275 3.40 -5.01 11.65
N PRO A 276 4.25 -6.00 11.47
CA PRO A 276 3.77 -7.34 11.38
C PRO A 276 3.20 -7.82 12.69
N GLU A 277 3.57 -7.13 13.80
CA GLU A 277 3.00 -7.60 15.08
C GLU A 277 1.44 -7.33 15.13
N GLU A 278 0.92 -6.33 14.42
CA GLU A 278 -0.54 -6.11 14.35
CA GLU A 278 -0.53 -6.12 14.36
C GLU A 278 -1.16 -7.13 13.41
N MET A 279 -0.53 -7.37 12.26
CA MET A 279 -1.02 -8.51 11.36
C MET A 279 -1.09 -9.80 12.19
N PHE A 280 -0.05 -10.08 13.00
CA PHE A 280 -0.08 -11.37 13.73
C PHE A 280 -1.26 -11.45 14.68
N LYS A 281 -1.57 -10.36 15.36
CA LYS A 281 -2.68 -10.39 16.27
C LYS A 281 -4.02 -10.63 15.45
N ALA A 282 -4.17 -9.98 14.27
CA ALA A 282 -5.45 -10.15 13.56
C ALA A 282 -5.56 -11.58 12.97
N LEU A 283 -4.41 -12.11 12.44
CA LEU A 283 -4.49 -13.51 11.87
C LEU A 283 -4.65 -14.54 13.04
N SER A 284 -4.10 -14.25 14.24
CA SER A 284 -4.27 -15.25 15.28
C SER A 284 -5.69 -15.43 15.72
N ILE A 285 -6.54 -14.43 15.50
CA ILE A 285 -8.00 -14.61 15.83
C ILE A 285 -8.92 -14.85 14.64
N GLY A 286 -8.30 -15.02 13.51
CA GLY A 286 -9.11 -15.37 12.34
C GLY A 286 -9.92 -14.16 11.84
N ALA A 287 -9.38 -12.92 11.86
CA ALA A 287 -10.16 -11.74 11.49
C ALA A 287 -10.51 -11.74 10.01
N CYS A 288 -9.74 -12.43 9.16
CA CYS A 288 -9.91 -12.09 7.71
C CYS A 288 -9.45 -13.32 6.92
N ARG A 289 -9.92 -13.63 5.75
CA ARG A 289 -9.35 -14.70 4.98
C ARG A 289 -8.40 -14.23 3.84
N LEU A 290 -8.29 -12.90 3.70
CA LEU A 290 -7.29 -12.26 2.80
C LEU A 290 -6.55 -11.20 3.63
N ALA A 291 -5.30 -10.91 3.20
CA ALA A 291 -4.58 -9.79 3.82
C ALA A 291 -4.02 -8.88 2.72
N MET A 292 -3.87 -7.61 3.10
CA MET A 292 -3.23 -6.70 2.16
C MET A 292 -2.39 -5.63 2.94
N PRO A 293 -1.19 -6.01 3.37
CA PRO A 293 -0.36 -5.01 4.02
C PRO A 293 0.00 -3.85 3.14
N ASP A 294 0.21 -2.68 3.79
CA ASP A 294 0.73 -1.51 3.12
C ASP A 294 2.23 -1.46 3.35
N ALA A 295 2.99 -1.31 2.21
CA ALA A 295 4.44 -1.37 2.37
C ALA A 295 5.00 -0.35 3.39
N MET A 296 4.39 0.81 3.50
CA MET A 296 4.87 1.75 4.52
C MET A 296 4.41 1.27 5.99
N LYS A 297 3.09 1.07 6.18
CA LYS A 297 2.66 0.80 7.57
C LYS A 297 3.15 -0.50 8.05
N ILE A 298 3.37 -1.53 7.18
CA ILE A 298 3.85 -2.83 7.74
C ILE A 298 5.27 -2.77 8.14
N GLY A 299 5.99 -1.71 7.80
CA GLY A 299 7.48 -1.56 8.21
C GLY A 299 8.43 -1.73 7.03
N GLY A 300 8.00 -1.29 5.87
CA GLY A 300 8.91 -1.31 4.68
C GLY A 300 9.21 -2.68 4.13
N VAL A 301 10.34 -2.88 3.50
CA VAL A 301 10.71 -4.16 2.96
C VAL A 301 10.97 -5.14 4.12
N THR A 302 11.65 -4.69 5.18
CA THR A 302 11.92 -5.55 6.33
C THR A 302 10.60 -6.12 6.96
N GLY A 303 9.65 -5.22 7.17
CA GLY A 303 8.35 -5.59 7.74
C GLY A 303 7.60 -6.46 6.73
N TRP A 304 7.62 -6.14 5.41
CA TRP A 304 6.86 -6.96 4.48
C TRP A 304 7.42 -8.42 4.40
N ILE A 305 8.70 -8.57 4.40
CA ILE A 305 9.33 -9.94 4.41
CA ILE A 305 9.18 -9.96 4.30
C ILE A 305 8.76 -10.74 5.59
N ARG A 306 8.71 -10.13 6.77
CA ARG A 306 8.13 -10.80 7.97
C ARG A 306 6.61 -11.09 7.74
N ALA A 307 5.90 -10.08 7.29
CA ALA A 307 4.47 -10.29 7.01
C ALA A 307 4.22 -11.44 5.99
N SER A 308 5.03 -11.49 4.92
CA SER A 308 4.94 -12.62 4.00
CA SER A 308 4.89 -12.60 3.98
C SER A 308 5.07 -14.00 4.63
N ALA A 309 6.05 -14.13 5.57
CA ALA A 309 6.19 -15.42 6.24
C ALA A 309 4.96 -15.73 7.06
N LEU A 310 4.36 -14.75 7.75
CA LEU A 310 3.12 -15.03 8.53
C LEU A 310 1.94 -15.41 7.58
N ALA A 311 1.81 -14.60 6.51
CA ALA A 311 0.64 -15.00 5.63
C ALA A 311 0.84 -16.39 5.05
N GLN A 312 2.10 -16.81 4.81
CA GLN A 312 2.30 -18.17 4.26
C GLN A 312 1.84 -19.20 5.33
N GLN A 313 2.28 -19.01 6.58
CA GLN A 313 1.89 -20.07 7.53
C GLN A 313 0.44 -20.08 7.92
N PHE A 314 -0.20 -18.91 7.94
CA PHE A 314 -1.61 -18.90 8.24
C PHE A 314 -2.50 -19.11 7.00
N GLY A 315 -1.88 -19.39 5.84
CA GLY A 315 -2.69 -19.76 4.66
C GLY A 315 -3.53 -18.55 4.16
N ILE A 316 -2.88 -17.35 4.13
CA ILE A 316 -3.71 -16.18 3.73
C ILE A 316 -3.09 -15.57 2.45
N PRO A 317 -3.84 -15.58 1.38
CA PRO A 317 -3.35 -14.93 0.11
C PRO A 317 -3.15 -13.42 0.44
N MET A 318 -1.99 -12.89 -0.01
CA MET A 318 -1.49 -11.56 0.42
C MET A 318 -1.34 -10.65 -0.77
N SER A 319 -2.10 -9.56 -0.71
CA SER A 319 -2.06 -8.49 -1.72
C SER A 319 -1.36 -7.30 -1.11
N SER A 320 -1.23 -6.26 -2.00
CA SER A 320 -0.65 -5.04 -1.53
C SER A 320 -1.62 -3.85 -1.38
N HIS A 321 -1.16 -2.84 -0.67
CA HIS A 321 -1.96 -1.61 -0.55
C HIS A 321 -1.00 -0.43 -0.76
N LEU A 322 -1.37 0.28 -1.85
CA LEU A 322 -0.55 1.51 -2.31
C LEU A 322 0.89 1.08 -2.58
N PHE A 323 1.71 2.08 -2.79
CA PHE A 323 3.16 1.80 -3.05
C PHE A 323 3.36 0.75 -4.17
N GLN A 324 2.76 1.02 -5.32
CA GLN A 324 2.83 -0.02 -6.38
C GLN A 324 4.26 -0.28 -6.85
N GLU A 325 5.09 0.79 -6.82
CA GLU A 325 6.40 0.57 -7.39
C GLU A 325 7.25 -0.50 -6.59
N ILE A 326 7.25 -0.35 -5.25
CA ILE A 326 7.99 -1.37 -4.49
C ILE A 326 7.19 -2.67 -4.38
N SER A 327 5.84 -2.48 -4.32
CA SER A 327 5.03 -3.75 -4.14
C SER A 327 5.12 -4.76 -5.27
N ALA A 328 5.45 -4.28 -6.49
CA ALA A 328 5.60 -5.29 -7.55
C ALA A 328 6.84 -6.16 -7.26
N HIS A 329 7.91 -5.58 -6.70
CA HIS A 329 9.06 -6.39 -6.33
C HIS A 329 8.68 -7.31 -5.14
N LEU A 330 8.08 -6.69 -4.09
CA LEU A 330 7.80 -7.49 -2.83
C LEU A 330 6.87 -8.65 -3.11
N LEU A 331 5.82 -8.42 -3.93
CA LEU A 331 4.92 -9.54 -4.18
C LEU A 331 5.59 -10.71 -4.86
N ALA A 332 6.54 -10.40 -5.84
CA ALA A 332 7.28 -11.51 -6.51
C ALA A 332 8.08 -12.36 -5.54
N ALA A 333 8.40 -11.89 -4.33
CA ALA A 333 9.07 -12.72 -3.27
C ALA A 333 8.13 -13.26 -2.26
N THR A 334 6.82 -13.04 -2.45
CA THR A 334 5.82 -13.42 -1.40
C THR A 334 5.11 -14.73 -1.77
N PRO A 335 5.31 -15.83 -0.98
CA PRO A 335 4.83 -17.13 -1.42
C PRO A 335 3.29 -17.17 -1.67
N THR A 336 2.52 -16.39 -0.93
CA THR A 336 1.08 -16.30 -1.11
C THR A 336 0.58 -15.10 -1.88
N ALA A 337 1.44 -14.57 -2.75
CA ALA A 337 1.03 -13.29 -3.45
C ALA A 337 -0.28 -13.46 -4.19
N HIS A 338 -1.08 -12.40 -4.11
CA HIS A 338 -2.47 -12.51 -4.68
C HIS A 338 -2.66 -11.32 -5.63
N TRP A 339 -2.96 -10.10 -5.21
CA TRP A 339 -3.07 -8.99 -6.17
C TRP A 339 -2.20 -7.86 -5.83
N LEU A 340 -1.82 -7.08 -6.87
CA LEU A 340 -1.17 -5.79 -6.64
C LEU A 340 -2.27 -4.70 -6.83
N GLU A 341 -2.35 -3.75 -5.85
CA GLU A 341 -3.32 -2.65 -5.96
C GLU A 341 -2.59 -1.56 -6.80
N ARG A 342 -3.24 -1.28 -7.97
CA ARG A 342 -2.80 -0.09 -8.76
C ARG A 342 -3.58 1.15 -8.27
N LEU A 343 -2.82 2.11 -7.76
CA LEU A 343 -3.38 3.42 -7.34
C LEU A 343 -2.14 4.26 -7.34
N ASP A 344 -2.06 5.12 -8.33
CA ASP A 344 -0.73 5.74 -8.65
C ASP A 344 -0.59 7.04 -7.93
N LEU A 345 -0.31 7.06 -6.66
CA LEU A 345 -0.17 8.27 -5.89
C LEU A 345 0.96 9.17 -6.33
N ALA A 346 2.11 8.55 -6.72
CA ALA A 346 3.31 9.44 -6.97
C ALA A 346 3.67 9.59 -8.44
N GLY A 347 2.72 9.18 -9.29
CA GLY A 347 2.99 9.25 -10.80
C GLY A 347 3.41 10.64 -11.23
N SER A 348 2.89 11.73 -10.63
CA SER A 348 3.28 13.08 -11.03
CA SER A 348 3.29 13.09 -11.04
C SER A 348 4.79 13.41 -10.76
N VAL A 349 5.49 12.66 -9.88
CA VAL A 349 6.83 13.00 -9.51
C VAL A 349 7.85 11.85 -9.66
N ILE A 350 7.37 10.68 -10.12
CA ILE A 350 8.29 9.59 -10.38
C ILE A 350 8.16 9.05 -11.84
N GLU A 351 9.29 8.68 -12.40
CA GLU A 351 9.15 8.20 -13.79
C GLU A 351 8.34 6.90 -13.87
N PRO A 352 7.58 6.64 -14.96
CA PRO A 352 6.70 5.50 -15.11
C PRO A 352 7.49 4.27 -15.53
N THR A 353 8.48 3.87 -14.69
CA THR A 353 9.27 2.71 -14.99
C THR A 353 8.44 1.36 -14.74
N LEU A 354 7.53 1.42 -13.78
CA LEU A 354 6.65 0.28 -13.62
C LEU A 354 5.64 0.31 -14.77
N THR A 355 5.44 -0.85 -15.37
CA THR A 355 4.58 -0.99 -16.56
CA THR A 355 4.44 -0.86 -16.44
C THR A 355 3.37 -1.91 -16.23
N PHE A 356 2.20 -1.67 -16.86
CA PHE A 356 1.11 -2.63 -16.75
C PHE A 356 0.86 -3.16 -18.10
N GLU A 357 0.96 -4.43 -18.24
CA GLU A 357 0.91 -5.20 -19.48
C GLU A 357 -0.16 -6.25 -19.27
N GLY A 358 -1.33 -5.99 -19.95
CA GLY A 358 -2.47 -6.88 -19.86
C GLY A 358 -2.94 -7.06 -18.38
N GLY A 359 -2.88 -5.95 -17.71
CA GLY A 359 -3.43 -5.80 -16.38
C GLY A 359 -2.43 -6.39 -15.39
N ASN A 360 -1.27 -6.78 -15.79
CA ASN A 360 -0.25 -7.23 -14.79
C ASN A 360 0.83 -6.20 -14.61
N ALA A 361 1.26 -6.02 -13.34
CA ALA A 361 2.41 -5.11 -13.19
C ALA A 361 3.71 -5.88 -13.53
N VAL A 362 4.63 -5.16 -14.16
CA VAL A 362 5.88 -5.74 -14.64
C VAL A 362 6.99 -4.83 -14.06
N ILE A 363 7.91 -5.51 -13.33
CA ILE A 363 8.92 -4.79 -12.60
C ILE A 363 10.00 -4.29 -13.65
N PRO A 364 10.52 -3.09 -13.52
CA PRO A 364 11.53 -2.61 -14.47
C PRO A 364 12.83 -3.28 -14.25
N ASP A 365 13.66 -3.34 -15.28
CA ASP A 365 14.98 -3.95 -15.06
C ASP A 365 15.91 -2.80 -14.72
N LEU A 366 15.87 -2.38 -13.45
CA LEU A 366 16.65 -1.22 -12.94
C LEU A 366 17.11 -1.62 -11.55
N PRO A 367 18.26 -1.17 -11.13
CA PRO A 367 18.71 -1.54 -9.72
C PRO A 367 17.75 -0.98 -8.66
N GLY A 368 17.78 -1.69 -7.51
CA GLY A 368 16.89 -1.28 -6.43
C GLY A 368 15.40 -1.33 -6.86
N VAL A 369 14.61 -0.29 -6.45
CA VAL A 369 13.11 -0.35 -6.69
C VAL A 369 12.74 0.17 -8.06
N GLY A 370 13.69 0.94 -8.68
CA GLY A 370 13.26 1.52 -10.05
C GLY A 370 12.62 2.89 -9.86
N ILE A 371 12.68 3.56 -8.67
CA ILE A 371 12.11 4.91 -8.43
C ILE A 371 13.20 5.94 -8.85
N ILE A 372 12.81 6.74 -9.79
CA ILE A 372 13.66 7.83 -10.34
C ILE A 372 12.81 9.11 -10.36
N TRP A 373 13.30 10.15 -9.69
CA TRP A 373 12.49 11.31 -9.50
C TRP A 373 12.34 12.10 -10.85
N ARG A 374 11.13 12.68 -11.00
CA ARG A 374 10.93 13.77 -12.09
C ARG A 374 11.33 15.12 -11.51
N GLU A 375 12.62 15.42 -11.45
CA GLU A 375 13.14 16.63 -10.71
C GLU A 375 12.49 17.95 -11.20
N LYS A 376 12.16 18.02 -12.48
CA LYS A 376 11.56 19.27 -12.94
C LYS A 376 10.12 19.38 -12.50
N GLU A 377 9.43 18.26 -12.16
CA GLU A 377 8.06 18.35 -11.66
C GLU A 377 8.01 18.62 -10.12
N ILE A 378 8.97 18.13 -9.33
CA ILE A 378 8.85 18.18 -7.89
C ILE A 378 8.73 19.62 -7.36
N GLY A 379 9.58 20.54 -7.88
CA GLY A 379 9.40 21.94 -7.50
C GLY A 379 8.02 22.56 -7.69
N LYS A 380 7.20 22.04 -8.57
CA LYS A 380 5.83 22.57 -8.79
C LYS A 380 4.99 22.32 -7.52
N TYR A 381 5.34 21.26 -6.77
CA TYR A 381 4.35 20.73 -5.71
C TYR A 381 4.90 20.87 -4.32
N LEU A 382 6.10 21.41 -4.14
CA LEU A 382 6.61 21.62 -2.77
C LEU A 382 5.80 22.45 -1.86
N VAL A 383 5.73 22.04 -0.61
CA VAL A 383 5.09 22.76 0.51
C VAL A 383 6.13 23.68 1.04
C1 3PY B . -7.80 1.71 -0.92
C1 3PY B . -7.81 1.73 -1.04
O1 3PY B . -6.98 1.91 -1.82
O1 3PY B . -6.84 1.79 -1.77
O2 3PY B . -7.81 0.67 -0.35
O2 3PY B . -7.86 0.71 -0.36
C2 3PY B . -8.72 2.81 -0.63
C2 3PY B . -8.78 2.90 -1.18
C3 3PY B . -7.92 3.72 0.15
C3 3PY B . -8.43 4.11 -0.82
O4 3PY B . -6.56 3.66 0.58
O4 3PY B . -7.23 4.68 -1.01
MG MG C . -8.99 -0.12 1.63
#